data_6B6K
#
_entry.id   6B6K
#
_cell.length_a   99.700
_cell.length_b   99.700
_cell.length_c   99.700
_cell.angle_alpha   90.00
_cell.angle_beta   90.00
_cell.angle_gamma   90.00
#
_symmetry.space_group_name_H-M   'P 21 3'
#
loop_
_entity.id
_entity.type
_entity.pdbx_description
1 polymer 'Purine nucleoside phosphorylase'
2 non-polymer 'DIMETHYL SULFOXIDE'
3 non-polymer 6-methylpyridazin-3-ol
4 water water
#
_entity_poly.entity_id   1
_entity_poly.type   'polypeptide(L)'
_entity_poly.pdbx_seq_one_letter_code
;MTTPVVANYENASMAADYIKRVSNVLPDIGII(CME)GSGLGKLIEEIEERKVIPYINIPNFPKTTVAGHVGNLVLGSVG
GRKIVAMQGRLHMYEGYSNQEIALPIRVMKLLGVRVLLITNLAGGINRKLKSGDFVLIKGHINFPGLGLNNVLVGPNQDE
FGPRFPDLSNAYDRLLQQLALKIAQENDFQDLVHEGVYAFNGGPTYESPDESNMLLKLGCDVVGMSTVPEVIIACHCGIK
VLAVSLIANNSILDAENDVSINHEKVLAVAEKRADLLQMWFKEIITRLPLD
;
_entity_poly.pdbx_strand_id   A
#
loop_
_chem_comp.id
_chem_comp.type
_chem_comp.name
_chem_comp.formula
CVG non-polymer 6-methylpyridazin-3-ol 'C5 H6 N2 O'
DMS non-polymer 'DIMETHYL SULFOXIDE' 'C2 H6 O S'
#
# COMPACT_ATOMS: atom_id res chain seq x y z
N PRO A 4 -6.67 -0.16 -25.11
CA PRO A 4 -6.23 -0.11 -23.70
C PRO A 4 -4.97 -0.95 -23.48
N VAL A 5 -4.07 -0.51 -22.60
CA VAL A 5 -2.78 -1.15 -22.42
C VAL A 5 -2.89 -2.24 -21.34
N VAL A 6 -2.66 -3.49 -21.74
CA VAL A 6 -2.74 -4.62 -20.84
C VAL A 6 -1.46 -4.70 -20.00
N ALA A 7 -1.58 -5.13 -18.73
CA ALA A 7 -0.43 -5.33 -17.83
C ALA A 7 0.26 -6.68 -18.11
N ASN A 8 0.74 -6.83 -19.34
CA ASN A 8 1.39 -8.05 -19.81
C ASN A 8 2.92 -7.94 -19.76
N TYR A 9 3.58 -9.07 -20.06
CA TYR A 9 5.03 -9.18 -19.97
C TYR A 9 5.74 -8.21 -20.92
N GLU A 10 5.28 -8.12 -22.18
CA GLU A 10 5.93 -7.22 -23.13
C GLU A 10 5.78 -5.75 -22.73
N ASN A 11 4.58 -5.35 -22.30
CA ASN A 11 4.37 -3.94 -21.98
C ASN A 11 5.14 -3.53 -20.72
N ALA A 12 5.14 -4.40 -19.71
CA ALA A 12 5.92 -4.14 -18.51
C ALA A 12 7.42 -4.10 -18.81
N SER A 13 7.90 -4.97 -19.72
CA SER A 13 9.33 -4.98 -20.12
C SER A 13 9.73 -3.66 -20.78
N MET A 14 8.85 -3.08 -21.61
CA MET A 14 9.21 -1.82 -22.27
C MET A 14 9.35 -0.70 -21.23
N ALA A 15 8.47 -0.66 -20.24
CA ALA A 15 8.59 0.36 -19.18
C ALA A 15 9.87 0.17 -18.37
N ALA A 16 10.17 -1.08 -17.98
CA ALA A 16 11.39 -1.36 -17.23
C ALA A 16 12.64 -0.96 -18.01
N ASP A 17 12.64 -1.19 -19.32
CA ASP A 17 13.78 -0.80 -20.15
C ASP A 17 14.07 0.70 -20.04
N TYR A 18 13.03 1.52 -20.23
CA TYR A 18 13.17 2.97 -20.10
C TYR A 18 13.74 3.35 -18.74
N ILE A 19 13.21 2.73 -17.68
CA ILE A 19 13.63 3.10 -16.32
C ILE A 19 15.10 2.77 -16.13
N LYS A 20 15.53 1.57 -16.55
CA LYS A 20 16.92 1.17 -16.38
C LYS A 20 17.86 2.07 -17.16
N ARG A 21 17.42 2.59 -18.31
CA ARG A 21 18.29 3.50 -19.07
C ARG A 21 18.47 4.83 -18.35
N VAL A 22 17.41 5.33 -17.71
CA VAL A 22 17.47 6.64 -17.05
C VAL A 22 18.18 6.55 -15.70
N SER A 23 18.11 5.41 -15.02
CA SER A 23 18.75 5.22 -13.73
C SER A 23 19.52 3.91 -13.71
N ASN A 24 20.63 3.93 -12.97
CA ASN A 24 21.48 2.75 -12.79
C ASN A 24 21.19 2.03 -11.47
N VAL A 25 20.03 2.30 -10.86
CA VAL A 25 19.64 1.69 -9.59
C VAL A 25 18.98 0.34 -9.87
N LEU A 26 19.50 -0.72 -9.25
CA LEU A 26 18.86 -2.02 -9.26
C LEU A 26 18.18 -2.25 -7.91
N PRO A 27 16.90 -1.94 -7.78
CA PRO A 27 16.23 -2.01 -6.47
C PRO A 27 15.74 -3.41 -6.15
N ASP A 28 15.89 -3.83 -4.89
CA ASP A 28 15.20 -5.04 -4.43
C ASP A 28 14.10 -4.78 -3.41
N ILE A 29 13.80 -3.52 -3.10
CA ILE A 29 12.72 -3.12 -2.22
C ILE A 29 11.86 -2.07 -2.92
N GLY A 30 10.53 -2.21 -2.79
CA GLY A 30 9.59 -1.22 -3.25
C GLY A 30 8.78 -0.66 -2.10
N ILE A 31 8.35 0.61 -2.24
CA ILE A 31 7.51 1.27 -1.24
C ILE A 31 6.36 2.03 -1.89
N ILE A 32 5.18 2.00 -1.25
CA ILE A 32 3.97 2.74 -1.65
C ILE A 32 3.44 3.37 -0.38
N CME A 33 3.37 4.69 -0.33
CA CME A 33 3.06 5.43 0.90
CB CME A 33 4.09 6.53 1.22
SG CME A 33 5.76 5.93 1.14
SD CME A 33 5.95 4.52 2.70
CE CME A 33 6.77 5.38 3.99
CZ CME A 33 5.99 5.43 5.29
OH CME A 33 4.71 5.97 4.99
C CME A 33 1.67 6.04 0.86
O CME A 33 1.17 6.55 -0.15
HA CME A 33 3.08 4.67 1.75
HB2 CME A 33 3.87 6.96 2.23
HB3 CME A 33 4.05 7.35 0.45
HE2 CME A 33 6.88 6.43 3.58
HE3 CME A 33 7.80 4.98 4.19
HZ2 CME A 33 6.51 6.09 6.03
HZ3 CME A 33 5.89 4.40 5.72
HH CME A 33 4.61 5.92 4.03
N GLY A 34 1.01 6.02 2.02
CA GLY A 34 -0.31 6.59 2.19
C GLY A 34 -0.35 8.13 2.14
N SER A 35 -1.55 8.68 2.08
CA SER A 35 -1.68 10.13 1.90
C SER A 35 -1.16 10.86 3.13
N GLY A 36 -0.30 11.86 2.89
CA GLY A 36 0.35 12.58 3.95
C GLY A 36 1.54 11.86 4.57
N LEU A 37 1.84 10.65 4.10
CA LEU A 37 2.87 9.79 4.69
C LEU A 37 4.05 9.57 3.74
N GLY A 38 4.33 10.54 2.87
CA GLY A 38 5.35 10.36 1.84
C GLY A 38 6.68 11.05 2.07
N LYS A 39 6.94 11.58 3.25
CA LYS A 39 8.15 12.38 3.45
C LYS A 39 9.42 11.56 3.24
N LEU A 40 9.38 10.25 3.54
CA LEU A 40 10.59 9.45 3.36
C LEU A 40 11.09 9.50 1.91
N ILE A 41 10.17 9.60 0.95
CA ILE A 41 10.56 9.64 -0.46
C ILE A 41 11.45 10.86 -0.75
N GLU A 42 11.16 11.99 -0.11
CA GLU A 42 11.97 13.18 -0.33
C GLU A 42 13.36 13.09 0.28
N GLU A 43 13.65 12.01 1.00
CA GLU A 43 14.94 11.83 1.65
C GLU A 43 15.72 10.65 1.07
N ILE A 44 15.22 10.05 0.00
CA ILE A 44 15.98 9.02 -0.70
C ILE A 44 17.28 9.63 -1.22
N GLU A 45 18.37 8.88 -1.08
CA GLU A 45 19.69 9.41 -1.44
C GLU A 45 20.08 9.06 -2.87
N GLU A 46 20.90 9.93 -3.46
CA GLU A 46 21.37 9.75 -4.83
C GLU A 46 20.23 9.36 -5.74
N ARG A 47 19.19 10.17 -5.72
CA ARG A 47 17.90 9.73 -6.23
C ARG A 47 17.64 10.26 -7.64
N LYS A 48 16.68 9.60 -8.30
CA LYS A 48 16.22 9.99 -9.62
C LYS A 48 14.69 10.00 -9.59
N VAL A 49 14.10 11.11 -10.04
CA VAL A 49 12.64 11.27 -10.09
C VAL A 49 12.20 11.14 -11.55
N ILE A 50 11.27 10.23 -11.82
CA ILE A 50 10.78 9.93 -13.16
C ILE A 50 9.27 10.12 -13.19
N PRO A 51 8.77 11.21 -13.80
CA PRO A 51 7.31 11.35 -13.93
C PRO A 51 6.68 10.17 -14.65
N TYR A 52 5.54 9.70 -14.12
CA TYR A 52 4.79 8.61 -14.75
C TYR A 52 4.56 8.92 -16.23
N ILE A 53 4.24 10.18 -16.54
CA ILE A 53 3.83 10.54 -17.89
C ILE A 53 4.94 10.30 -18.89
N ASN A 54 6.20 10.24 -18.43
CA ASN A 54 7.35 9.99 -19.30
C ASN A 54 7.64 8.50 -19.55
N ILE A 55 7.02 7.59 -18.79
CA ILE A 55 7.40 6.16 -18.82
C ILE A 55 6.50 5.42 -19.80
N PRO A 56 7.05 4.72 -20.79
CA PRO A 56 6.20 3.98 -21.73
C PRO A 56 5.25 3.03 -21.02
N ASN A 57 3.98 3.05 -21.43
CA ASN A 57 2.93 2.18 -20.94
C ASN A 57 2.46 2.44 -19.50
N PHE A 58 2.99 3.44 -18.79
CA PHE A 58 2.40 3.76 -17.49
C PHE A 58 1.01 4.36 -17.68
N PRO A 59 0.10 4.15 -16.73
CA PRO A 59 -1.28 4.65 -16.90
C PRO A 59 -1.37 6.17 -16.88
N LYS A 60 -2.33 6.69 -17.66
CA LYS A 60 -2.59 8.14 -17.70
C LYS A 60 -3.26 8.58 -16.40
N THR A 61 -2.72 9.62 -15.77
CA THR A 61 -3.22 10.09 -14.48
C THR A 61 -3.58 11.57 -14.48
N THR A 62 -3.70 12.21 -15.65
CA THR A 62 -3.97 13.65 -15.70
C THR A 62 -5.40 14.00 -15.33
N VAL A 63 -6.36 13.09 -15.43
CA VAL A 63 -7.72 13.49 -15.07
C VAL A 63 -7.79 13.78 -13.57
N ALA A 64 -7.23 12.86 -12.75
CA ALA A 64 -7.14 13.08 -11.31
C ALA A 64 -6.19 14.22 -10.99
N GLY A 65 -5.07 14.29 -11.71
CA GLY A 65 -4.06 15.30 -11.45
C GLY A 65 -3.21 14.93 -10.24
N HIS A 66 -2.56 15.96 -9.68
CA HIS A 66 -1.67 15.79 -8.53
C HIS A 66 -0.43 14.98 -8.89
N VAL A 67 0.46 14.76 -7.91
CA VAL A 67 1.78 14.19 -8.18
C VAL A 67 1.71 12.74 -8.66
N GLY A 68 2.59 12.40 -9.60
CA GLY A 68 2.73 11.04 -10.05
C GLY A 68 4.12 10.76 -10.60
N ASN A 69 5.04 10.31 -9.71
CA ASN A 69 6.43 10.06 -10.07
C ASN A 69 6.90 8.72 -9.51
N LEU A 70 7.82 8.08 -10.22
CA LEU A 70 8.59 6.94 -9.71
C LEU A 70 9.96 7.44 -9.26
N VAL A 71 10.36 7.10 -8.03
CA VAL A 71 11.60 7.62 -7.44
C VAL A 71 12.51 6.46 -7.04
N LEU A 72 13.74 6.47 -7.56
CA LEU A 72 14.72 5.42 -7.28
C LEU A 72 15.95 5.99 -6.58
N GLY A 73 16.50 5.23 -5.63
CA GLY A 73 17.70 5.66 -4.93
C GLY A 73 18.01 4.74 -3.76
N SER A 74 18.74 5.28 -2.78
CA SER A 74 19.25 4.50 -1.65
C SER A 74 18.67 5.00 -0.32
N VAL A 75 18.32 4.05 0.57
CA VAL A 75 17.94 4.32 1.95
C VAL A 75 18.68 3.33 2.83
N GLY A 76 19.43 3.83 3.81
CA GLY A 76 20.11 2.93 4.73
C GLY A 76 21.05 1.95 4.06
N GLY A 77 21.63 2.33 2.93
CA GLY A 77 22.47 1.43 2.16
C GLY A 77 21.72 0.45 1.27
N ARG A 78 20.39 0.52 1.23
CA ARG A 78 19.58 -0.41 0.47
C ARG A 78 19.01 0.28 -0.76
N LYS A 79 18.81 -0.47 -1.83
CA LYS A 79 18.36 0.08 -3.10
C LYS A 79 16.84 -0.05 -3.20
N ILE A 80 16.13 1.08 -3.40
CA ILE A 80 14.67 1.08 -3.38
C ILE A 80 14.08 1.80 -4.59
N VAL A 81 12.80 1.49 -4.85
CA VAL A 81 11.94 2.21 -5.80
C VAL A 81 10.62 2.54 -5.11
N ALA A 82 10.17 3.80 -5.22
CA ALA A 82 8.94 4.28 -4.58
C ALA A 82 7.94 4.80 -5.62
N MET A 83 6.65 4.54 -5.38
CA MET A 83 5.58 5.24 -6.09
C MET A 83 5.22 6.50 -5.31
N GLN A 84 5.45 7.67 -5.92
CA GLN A 84 5.08 8.96 -5.34
C GLN A 84 3.80 9.41 -6.03
N GLY A 85 2.66 9.15 -5.40
CA GLY A 85 1.37 9.29 -6.06
C GLY A 85 0.74 7.95 -6.36
N ARG A 86 0.00 7.43 -5.39
CA ARG A 86 -0.61 6.11 -5.50
C ARG A 86 -1.85 6.14 -6.39
N LEU A 87 -2.07 5.04 -7.10
CA LEU A 87 -3.30 4.89 -7.89
C LEU A 87 -4.35 4.16 -7.07
N HIS A 88 -5.55 4.75 -6.99
CA HIS A 88 -6.67 4.18 -6.24
C HIS A 88 -7.82 3.78 -7.15
N MET A 89 -8.43 2.61 -6.87
CA MET A 89 -9.48 2.11 -7.76
C MET A 89 -10.76 2.96 -7.73
N TYR A 90 -11.02 3.70 -6.65
CA TYR A 90 -12.20 4.61 -6.65
C TYR A 90 -12.06 5.74 -7.66
N GLU A 91 -10.88 5.99 -8.24
CA GLU A 91 -10.70 7.02 -9.27
C GLU A 91 -11.17 6.56 -10.64
N GLY A 92 -11.46 5.27 -10.80
CA GLY A 92 -11.87 4.70 -12.06
C GLY A 92 -10.79 3.97 -12.85
N TYR A 93 -9.58 3.85 -12.31
CA TYR A 93 -8.53 3.07 -12.99
C TYR A 93 -8.95 1.62 -13.14
N SER A 94 -8.58 1.03 -14.26
CA SER A 94 -8.87 -0.39 -14.49
C SER A 94 -7.86 -1.30 -13.79
N ASN A 95 -8.23 -2.59 -13.72
CA ASN A 95 -7.35 -3.65 -13.22
C ASN A 95 -5.97 -3.58 -13.86
N GLN A 96 -5.94 -3.37 -15.17
CA GLN A 96 -4.68 -3.36 -15.90
C GLN A 96 -3.81 -2.15 -15.51
N GLU A 97 -4.44 -1.00 -15.26
CA GLU A 97 -3.69 0.20 -14.87
C GLU A 97 -3.07 0.06 -13.48
N ILE A 98 -3.81 -0.51 -12.52
CA ILE A 98 -3.27 -0.72 -11.18
C ILE A 98 -2.10 -1.70 -11.20
N ALA A 99 -2.23 -2.78 -12.00
CA ALA A 99 -1.27 -3.87 -11.94
C ALA A 99 0.07 -3.55 -12.60
N LEU A 100 0.08 -2.72 -13.65
CA LEU A 100 1.31 -2.56 -14.43
C LEU A 100 2.47 -2.01 -13.60
N PRO A 101 2.31 -0.97 -12.76
CA PRO A 101 3.47 -0.50 -11.99
C PRO A 101 4.06 -1.55 -11.04
N ILE A 102 3.25 -2.43 -10.44
CA ILE A 102 3.75 -3.47 -9.55
C ILE A 102 4.50 -4.53 -10.33
N ARG A 103 4.00 -4.88 -11.52
CA ARG A 103 4.71 -5.83 -12.38
C ARG A 103 6.02 -5.26 -12.92
N VAL A 104 6.08 -3.95 -13.17
CA VAL A 104 7.36 -3.29 -13.49
C VAL A 104 8.33 -3.40 -12.33
N MET A 105 7.85 -3.18 -11.09
CA MET A 105 8.72 -3.39 -9.93
C MET A 105 9.31 -4.80 -9.93
N LYS A 106 8.48 -5.81 -10.17
CA LYS A 106 8.97 -7.19 -10.22
C LYS A 106 10.10 -7.34 -11.23
N LEU A 107 9.89 -6.84 -12.46
CA LEU A 107 10.92 -6.95 -13.50
C LEU A 107 12.19 -6.21 -13.12
N LEU A 108 12.09 -5.10 -12.36
CA LEU A 108 13.26 -4.34 -11.93
C LEU A 108 14.05 -5.06 -10.84
N GLY A 109 13.46 -6.05 -10.17
CA GLY A 109 14.15 -6.84 -9.16
C GLY A 109 13.54 -6.80 -7.76
N VAL A 110 12.39 -6.18 -7.58
CA VAL A 110 11.82 -6.01 -6.23
C VAL A 110 11.41 -7.37 -5.67
N ARG A 111 11.82 -7.64 -4.43
CA ARG A 111 11.47 -8.86 -3.70
C ARG A 111 10.61 -8.61 -2.46
N VAL A 112 10.59 -7.39 -1.93
CA VAL A 112 9.81 -7.00 -0.75
C VAL A 112 9.12 -5.66 -1.05
N LEU A 113 7.83 -5.57 -0.74
CA LEU A 113 7.02 -4.36 -0.94
C LEU A 113 6.46 -3.92 0.41
N LEU A 114 6.76 -2.66 0.80
CA LEU A 114 6.32 -2.07 2.07
C LEU A 114 5.24 -1.03 1.76
N ILE A 115 4.08 -1.12 2.46
CA ILE A 115 2.92 -0.27 2.16
C ILE A 115 2.38 0.37 3.43
N THR A 116 2.01 1.67 3.34
CA THR A 116 1.25 2.32 4.39
C THR A 116 -0.08 2.88 3.84
N ASN A 117 -1.07 3.01 4.72
CA ASN A 117 -2.37 3.58 4.38
C ASN A 117 -3.00 4.26 5.60
N LEU A 118 -4.04 5.06 5.35
CA LEU A 118 -4.90 5.61 6.40
C LEU A 118 -6.22 4.84 6.39
N ALA A 119 -6.69 4.46 7.58
CA ALA A 119 -7.86 3.60 7.72
C ALA A 119 -8.72 4.00 8.92
N GLY A 120 -9.99 3.57 8.88
CA GLY A 120 -10.88 3.69 10.04
C GLY A 120 -10.80 2.48 10.98
N GLY A 121 -10.91 2.76 12.29
CA GLY A 121 -10.90 1.70 13.29
C GLY A 121 -12.27 1.11 13.51
N ILE A 122 -12.35 -0.22 13.52
CA ILE A 122 -13.56 -0.95 13.86
C ILE A 122 -13.43 -1.64 15.23
N ASN A 123 -12.34 -2.40 15.43
CA ASN A 123 -12.08 -3.04 16.72
C ASN A 123 -12.10 -2.00 17.84
N ARG A 124 -12.71 -2.36 18.97
CA ARG A 124 -12.90 -1.38 20.03
C ARG A 124 -11.60 -1.00 20.73
N LYS A 125 -10.53 -1.77 20.58
CA LYS A 125 -9.27 -1.37 21.22
C LYS A 125 -8.45 -0.38 20.40
N LEU A 126 -8.94 0.06 19.23
CA LEU A 126 -8.19 0.96 18.35
C LEU A 126 -8.63 2.42 18.53
N LYS A 127 -7.63 3.31 18.65
CA LYS A 127 -7.81 4.74 18.84
C LYS A 127 -7.11 5.49 17.70
N SER A 128 -7.56 6.71 17.45
CA SER A 128 -6.87 7.60 16.52
C SER A 128 -5.38 7.69 16.85
N GLY A 129 -4.54 7.58 15.83
CA GLY A 129 -3.10 7.61 15.98
C GLY A 129 -2.43 6.26 16.21
N ASP A 130 -3.18 5.19 16.37
CA ASP A 130 -2.61 3.86 16.50
C ASP A 130 -2.14 3.33 15.13
N PHE A 131 -1.19 2.37 15.16
CA PHE A 131 -0.75 1.63 13.98
C PHE A 131 -1.27 0.20 14.03
N VAL A 132 -1.65 -0.37 12.86
CA VAL A 132 -2.11 -1.76 12.76
C VAL A 132 -1.28 -2.50 11.70
N LEU A 133 -0.54 -3.52 12.13
CA LEU A 133 0.12 -4.44 11.22
C LEU A 133 -0.95 -5.36 10.62
N ILE A 134 -1.12 -5.32 9.30
CA ILE A 134 -2.20 -6.07 8.66
C ILE A 134 -1.79 -7.55 8.54
N LYS A 135 -2.64 -8.46 9.07
CA LYS A 135 -2.35 -9.89 9.03
C LYS A 135 -3.29 -10.69 8.11
N GLY A 136 -4.30 -10.05 7.54
CA GLY A 136 -5.25 -10.69 6.63
C GLY A 136 -6.25 -9.65 6.15
N HIS A 137 -7.11 -10.05 5.20
CA HIS A 137 -8.09 -9.07 4.66
C HIS A 137 -9.44 -9.70 4.30
N ILE A 138 -10.44 -8.83 4.20
CA ILE A 138 -11.75 -9.18 3.64
C ILE A 138 -11.97 -8.25 2.44
N ASN A 139 -12.01 -8.86 1.25
CA ASN A 139 -11.96 -8.15 -0.03
C ASN A 139 -13.37 -8.12 -0.65
N PHE A 140 -14.17 -7.10 -0.29
CA PHE A 140 -15.53 -7.06 -0.80
C PHE A 140 -15.57 -6.90 -2.31
N PRO A 141 -14.72 -6.08 -2.94
CA PRO A 141 -14.69 -6.08 -4.41
C PRO A 141 -14.38 -7.45 -5.00
N GLY A 142 -13.43 -8.19 -4.42
CA GLY A 142 -13.10 -9.50 -4.98
C GLY A 142 -14.23 -10.50 -4.88
N LEU A 143 -14.90 -10.58 -3.71
CA LEU A 143 -16.07 -11.45 -3.64
C LEU A 143 -17.10 -11.06 -4.70
N GLY A 144 -17.22 -9.76 -5.00
CA GLY A 144 -18.26 -9.24 -5.88
C GLY A 144 -17.94 -9.04 -7.36
N LEU A 145 -16.96 -9.77 -7.88
CA LEU A 145 -16.58 -9.79 -9.31
C LEU A 145 -15.76 -8.57 -9.76
N ASN A 146 -15.17 -7.80 -8.82
CA ASN A 146 -14.27 -6.68 -9.10
C ASN A 146 -12.86 -6.92 -8.55
N ASN A 147 -12.44 -8.19 -8.40
CA ASN A 147 -11.06 -8.48 -8.04
C ASN A 147 -10.12 -7.89 -9.08
N VAL A 148 -8.95 -7.42 -8.61
CA VAL A 148 -7.92 -6.85 -9.48
C VAL A 148 -7.37 -7.86 -10.52
N LEU A 149 -7.54 -9.17 -10.29
CA LEU A 149 -7.09 -10.20 -11.24
C LEU A 149 -8.20 -10.65 -12.23
N VAL A 150 -9.41 -10.08 -12.18
CA VAL A 150 -10.42 -10.44 -13.19
C VAL A 150 -9.91 -10.04 -14.56
N GLY A 151 -9.95 -10.98 -15.51
CA GLY A 151 -9.38 -10.82 -16.83
C GLY A 151 -8.54 -12.04 -17.18
N PRO A 152 -7.94 -12.04 -18.36
CA PRO A 152 -7.03 -13.15 -18.70
C PRO A 152 -5.87 -13.20 -17.71
N ASN A 153 -5.39 -14.42 -17.41
CA ASN A 153 -4.19 -14.52 -16.58
C ASN A 153 -2.93 -14.23 -17.40
N GLN A 154 -1.99 -13.47 -16.81
CA GLN A 154 -0.67 -13.22 -17.41
C GLN A 154 0.27 -14.25 -16.80
N ASP A 155 0.41 -15.39 -17.50
CA ASP A 155 1.07 -16.58 -16.95
C ASP A 155 2.53 -16.35 -16.60
N GLU A 156 3.22 -15.45 -17.30
CA GLU A 156 4.63 -15.17 -16.99
C GLU A 156 4.82 -14.64 -15.56
N PHE A 157 3.80 -14.01 -14.98
CA PHE A 157 3.88 -13.40 -13.66
C PHE A 157 3.40 -14.33 -12.54
N GLY A 158 2.42 -15.18 -12.78
CA GLY A 158 1.85 -15.97 -11.70
C GLY A 158 0.73 -16.89 -12.14
N PRO A 159 0.15 -17.64 -11.19
CA PRO A 159 -0.87 -18.67 -11.51
C PRO A 159 -2.27 -18.10 -11.68
N ARG A 160 -3.12 -18.89 -12.36
CA ARG A 160 -4.52 -18.48 -12.60
C ARG A 160 -5.27 -18.29 -11.28
N PHE A 161 -5.05 -19.18 -10.31
CA PHE A 161 -5.80 -19.14 -9.04
C PHE A 161 -4.86 -18.99 -7.85
N PRO A 162 -4.48 -17.76 -7.46
CA PRO A 162 -3.56 -17.60 -6.32
C PRO A 162 -4.17 -17.93 -4.97
N ASP A 163 -3.31 -18.41 -4.07
CA ASP A 163 -3.59 -18.60 -2.65
C ASP A 163 -3.03 -17.39 -1.89
N LEU A 164 -3.88 -16.68 -1.14
CA LEU A 164 -3.52 -15.48 -0.38
C LEU A 164 -3.26 -15.75 1.11
N SER A 165 -3.15 -17.02 1.53
CA SER A 165 -3.04 -17.30 2.96
C SER A 165 -1.75 -16.78 3.58
N ASN A 166 -0.69 -16.59 2.79
CA ASN A 166 0.58 -16.06 3.27
C ASN A 166 0.93 -14.73 2.59
N ALA A 167 -0.08 -13.97 2.16
CA ALA A 167 0.16 -12.68 1.48
C ALA A 167 0.87 -11.68 2.37
N TYR A 168 0.61 -11.70 3.69
CA TYR A 168 1.21 -10.75 4.63
C TYR A 168 2.29 -11.50 5.43
N ASP A 169 3.54 -11.34 5.02
CA ASP A 169 4.65 -12.11 5.59
C ASP A 169 4.75 -11.99 7.12
N ARG A 170 4.80 -13.14 7.81
CA ARG A 170 4.83 -13.13 9.27
C ARG A 170 6.14 -12.57 9.83
N LEU A 171 7.28 -12.91 9.23
CA LEU A 171 8.56 -12.44 9.73
C LEU A 171 8.72 -10.93 9.56
N LEU A 172 8.10 -10.35 8.53
CA LEU A 172 8.17 -8.89 8.38
C LEU A 172 7.34 -8.20 9.45
N GLN A 173 6.17 -8.75 9.79
CA GLN A 173 5.41 -8.23 10.92
C GLN A 173 6.23 -8.30 12.21
N GLN A 174 6.97 -9.39 12.41
CA GLN A 174 7.78 -9.53 13.63
C GLN A 174 8.91 -8.49 13.68
N LEU A 175 9.55 -8.22 12.55
CA LEU A 175 10.61 -7.22 12.53
C LEU A 175 10.07 -5.83 12.82
N ALA A 176 8.91 -5.49 12.22
CA ALA A 176 8.31 -4.19 12.48
C ALA A 176 8.04 -4.01 13.97
N LEU A 177 7.46 -5.03 14.62
CA LEU A 177 7.17 -4.93 16.05
C LEU A 177 8.44 -4.80 16.87
N LYS A 178 9.49 -5.56 16.52
CA LYS A 178 10.73 -5.51 17.27
C LYS A 178 11.30 -4.09 17.31
N ILE A 179 11.27 -3.40 16.16
CA ILE A 179 11.78 -2.04 16.08
C ILE A 179 10.94 -1.09 16.92
N ALA A 180 9.61 -1.26 16.90
CA ALA A 180 8.75 -0.46 17.78
C ALA A 180 9.13 -0.66 19.25
N GLN A 181 9.41 -1.90 19.65
CA GLN A 181 9.82 -2.16 21.05
C GLN A 181 11.17 -1.52 21.37
N GLU A 182 12.11 -1.54 20.43
CA GLU A 182 13.42 -0.94 20.70
C GLU A 182 13.31 0.56 20.95
N ASN A 183 12.31 1.21 20.33
CA ASN A 183 12.11 2.65 20.45
C ASN A 183 10.96 3.01 21.40
N ASP A 184 10.42 2.02 22.12
CA ASP A 184 9.42 2.23 23.17
C ASP A 184 8.12 2.85 22.66
N PHE A 185 7.69 2.52 21.44
CA PHE A 185 6.34 2.90 20.98
C PHE A 185 5.45 1.69 20.67
N GLN A 186 5.77 0.53 21.24
CA GLN A 186 4.99 -0.68 21.00
C GLN A 186 3.55 -0.58 21.52
N ASP A 187 3.28 0.29 22.49
CA ASP A 187 1.92 0.48 22.96
C ASP A 187 1.00 1.07 21.89
N LEU A 188 1.56 1.59 20.80
CA LEU A 188 0.78 2.08 19.67
C LEU A 188 0.51 1.03 18.62
N VAL A 189 1.14 -0.15 18.71
CA VAL A 189 1.19 -1.12 17.60
C VAL A 189 0.28 -2.31 17.90
N HIS A 190 -0.68 -2.54 17.01
CA HIS A 190 -1.63 -3.66 17.06
C HIS A 190 -1.48 -4.49 15.79
N GLU A 191 -2.20 -5.62 15.73
CA GLU A 191 -2.39 -6.38 14.50
C GLU A 191 -3.88 -6.55 14.22
N GLY A 192 -4.23 -6.79 12.95
CA GLY A 192 -5.64 -6.85 12.62
C GLY A 192 -5.93 -7.20 11.17
N VAL A 193 -7.23 -7.45 10.92
CA VAL A 193 -7.80 -7.78 9.61
C VAL A 193 -8.34 -6.52 8.96
N TYR A 194 -7.95 -6.28 7.69
CA TYR A 194 -8.33 -5.10 6.91
C TYR A 194 -9.49 -5.39 5.96
N ALA A 195 -10.57 -4.60 6.07
CA ALA A 195 -11.69 -4.65 5.13
C ALA A 195 -11.45 -3.64 4.02
N PHE A 196 -11.54 -4.10 2.77
CA PHE A 196 -11.42 -3.21 1.60
C PHE A 196 -12.83 -2.70 1.24
N ASN A 197 -13.08 -1.39 1.51
CA ASN A 197 -14.24 -0.63 1.04
C ASN A 197 -13.83 0.07 -0.26
N GLY A 198 -14.49 -0.30 -1.39
CA GLY A 198 -14.11 0.30 -2.66
C GLY A 198 -14.08 1.82 -2.65
N GLY A 199 -14.99 2.44 -1.93
CA GLY A 199 -15.01 3.90 -1.83
C GLY A 199 -15.66 4.61 -3.02
N PRO A 200 -15.64 5.95 -3.07
CA PRO A 200 -14.86 6.87 -2.24
C PRO A 200 -15.60 7.42 -1.02
N THR A 201 -16.87 7.08 -0.81
CA THR A 201 -17.54 7.49 0.42
C THR A 201 -16.96 6.70 1.60
N TYR A 202 -16.80 7.38 2.75
CA TYR A 202 -16.47 6.66 3.96
C TYR A 202 -17.58 5.66 4.24
N GLU A 203 -17.23 4.54 4.86
CA GLU A 203 -18.28 3.59 5.23
C GLU A 203 -19.33 4.27 6.12
N SER A 204 -20.61 3.96 5.87
CA SER A 204 -21.69 4.54 6.64
C SER A 204 -21.72 3.99 8.06
N PRO A 205 -22.42 4.68 8.99
CA PRO A 205 -22.51 4.16 10.37
C PRO A 205 -23.02 2.72 10.42
N ASP A 206 -24.01 2.37 9.60
CA ASP A 206 -24.53 1.01 9.62
C ASP A 206 -23.59 0.01 8.95
N GLU A 207 -22.83 0.43 7.93
CA GLU A 207 -21.76 -0.42 7.40
C GLU A 207 -20.68 -0.68 8.45
N SER A 208 -20.31 0.33 9.26
CA SER A 208 -19.34 0.11 10.34
C SER A 208 -19.82 -0.98 11.28
N ASN A 209 -21.08 -0.90 11.70
CA ASN A 209 -21.63 -1.89 12.62
C ASN A 209 -21.62 -3.29 12.00
N MET A 210 -21.90 -3.37 10.70
CA MET A 210 -21.84 -4.66 10.00
C MET A 210 -20.41 -5.22 10.01
N LEU A 211 -19.40 -4.35 9.78
CA LEU A 211 -18.02 -4.83 9.70
C LEU A 211 -17.55 -5.38 11.05
N LEU A 212 -18.03 -4.81 12.15
CA LEU A 212 -17.73 -5.34 13.47
C LEU A 212 -18.25 -6.77 13.61
N LYS A 213 -19.52 -6.99 13.22
CA LYS A 213 -20.09 -8.33 13.26
C LYS A 213 -19.28 -9.35 12.44
N LEU A 214 -18.62 -8.90 11.38
CA LEU A 214 -17.97 -9.81 10.42
C LEU A 214 -16.50 -10.07 10.72
N GLY A 215 -15.98 -9.55 11.82
CA GLY A 215 -14.62 -9.80 12.23
C GLY A 215 -13.57 -8.90 11.64
N CYS A 216 -13.95 -7.73 11.13
CA CYS A 216 -12.98 -6.77 10.63
C CYS A 216 -12.44 -5.90 11.77
N ASP A 217 -11.15 -5.58 11.69
CA ASP A 217 -10.54 -4.69 12.66
C ASP A 217 -10.36 -3.24 12.17
N VAL A 218 -10.13 -3.05 10.87
CA VAL A 218 -9.94 -1.73 10.26
C VAL A 218 -10.60 -1.78 8.88
N VAL A 219 -10.87 -0.58 8.32
CA VAL A 219 -11.48 -0.44 7.00
C VAL A 219 -10.79 0.68 6.21
N GLY A 220 -10.49 0.42 4.93
CA GLY A 220 -9.90 1.45 4.08
C GLY A 220 -10.18 1.18 2.61
N MET A 221 -9.69 2.09 1.76
CA MET A 221 -10.04 2.13 0.33
C MET A 221 -8.86 1.82 -0.59
N SER A 222 -7.79 1.21 -0.08
CA SER A 222 -6.59 0.97 -0.89
C SER A 222 -5.98 -0.38 -0.48
N THR A 223 -4.72 -0.58 -0.90
CA THR A 223 -3.83 -1.63 -0.40
C THR A 223 -4.12 -3.04 -0.94
N VAL A 224 -5.34 -3.54 -0.77
CA VAL A 224 -5.64 -4.91 -1.18
C VAL A 224 -5.36 -5.17 -2.66
N PRO A 225 -5.68 -4.26 -3.60
CA PRO A 225 -5.31 -4.54 -5.02
C PRO A 225 -3.81 -4.75 -5.25
N GLU A 226 -2.98 -3.88 -4.66
CA GLU A 226 -1.53 -4.01 -4.80
C GLU A 226 -1.00 -5.26 -4.10
N VAL A 227 -1.53 -5.59 -2.91
CA VAL A 227 -1.13 -6.83 -2.22
C VAL A 227 -1.37 -8.05 -3.11
N ILE A 228 -2.54 -8.10 -3.78
CA ILE A 228 -2.88 -9.28 -4.59
C ILE A 228 -1.97 -9.38 -5.80
N ILE A 229 -1.68 -8.26 -6.48
CA ILE A 229 -0.76 -8.30 -7.63
C ILE A 229 0.63 -8.73 -7.19
N ALA A 230 1.10 -8.23 -6.03
CA ALA A 230 2.40 -8.63 -5.48
C ALA A 230 2.45 -10.12 -5.12
N CYS A 231 1.42 -10.62 -4.41
CA CYS A 231 1.39 -12.03 -4.02
C CYS A 231 1.39 -12.93 -5.26
N HIS A 232 0.61 -12.55 -6.28
CA HIS A 232 0.52 -13.31 -7.54
C HIS A 232 1.89 -13.54 -8.15
N CYS A 233 2.78 -12.53 -8.09
CA CYS A 233 4.10 -12.65 -8.70
C CYS A 233 5.23 -12.87 -7.70
N GLY A 234 4.92 -13.30 -6.46
CA GLY A 234 5.95 -13.76 -5.54
C GLY A 234 6.70 -12.69 -4.76
N ILE A 235 6.15 -11.47 -4.63
CA ILE A 235 6.74 -10.38 -3.85
C ILE A 235 6.17 -10.44 -2.43
N LYS A 236 7.05 -10.42 -1.43
CA LYS A 236 6.63 -10.39 -0.02
C LYS A 236 6.11 -9.00 0.35
N VAL A 237 5.15 -8.95 1.30
CA VAL A 237 4.46 -7.69 1.64
C VAL A 237 4.42 -7.46 3.15
N LEU A 238 4.70 -6.21 3.57
CA LEU A 238 4.33 -5.69 4.89
C LEU A 238 3.41 -4.50 4.64
N ALA A 239 2.21 -4.50 5.27
CA ALA A 239 1.24 -3.41 5.14
C ALA A 239 0.84 -2.91 6.52
N VAL A 240 0.88 -1.59 6.72
CA VAL A 240 0.62 -0.95 8.02
C VAL A 240 -0.44 0.13 7.81
N SER A 241 -1.53 0.07 8.59
CA SER A 241 -2.54 1.12 8.61
C SER A 241 -2.31 2.09 9.77
N LEU A 242 -2.44 3.39 9.50
CA LEU A 242 -2.55 4.43 10.52
C LEU A 242 -4.04 4.74 10.73
N ILE A 243 -4.49 4.66 11.97
CA ILE A 243 -5.90 4.75 12.31
C ILE A 243 -6.28 6.20 12.49
N ALA A 244 -7.27 6.65 11.73
CA ALA A 244 -7.70 8.04 11.81
C ALA A 244 -8.80 8.27 12.85
N ASN A 245 -9.57 7.23 13.21
CA ASN A 245 -10.76 7.38 14.04
C ASN A 245 -11.24 5.99 14.41
N ASN A 246 -12.19 5.92 15.34
CA ASN A 246 -12.94 4.69 15.58
C ASN A 246 -14.37 4.89 15.09
N SER A 247 -14.71 4.22 13.99
CA SER A 247 -16.00 4.41 13.32
C SER A 247 -17.14 3.90 14.17
N ILE A 248 -16.88 2.89 15.02
CA ILE A 248 -17.93 2.35 15.87
C ILE A 248 -18.29 3.36 16.97
N LEU A 249 -17.28 3.98 17.60
CA LEU A 249 -17.58 5.02 18.57
C LEU A 249 -18.29 6.19 17.92
N ASP A 250 -17.85 6.60 16.73
CA ASP A 250 -18.50 7.73 16.07
C ASP A 250 -19.97 7.42 15.78
N ALA A 251 -20.27 6.16 15.41
CA ALA A 251 -21.67 5.77 15.18
C ALA A 251 -22.50 5.87 16.46
N GLU A 252 -21.94 5.42 17.60
CA GLU A 252 -22.67 5.45 18.86
C GLU A 252 -22.91 6.88 19.34
N ASN A 253 -21.99 7.80 19.04
CA ASN A 253 -22.06 9.17 19.52
C ASN A 253 -22.62 10.14 18.47
N ASP A 254 -22.90 9.68 17.24
CA ASP A 254 -23.43 10.55 16.19
C ASP A 254 -22.46 11.69 15.82
N VAL A 255 -21.20 11.34 15.54
CA VAL A 255 -20.19 12.27 15.07
C VAL A 255 -19.50 11.65 13.84
N SER A 256 -18.73 12.48 13.12
CA SER A 256 -18.29 12.13 11.78
C SER A 256 -16.79 12.28 11.56
N ILE A 257 -16.24 11.41 10.68
CA ILE A 257 -14.91 11.61 10.10
C ILE A 257 -15.03 12.48 8.86
N ASN A 258 -13.91 13.11 8.48
CA ASN A 258 -13.77 13.80 7.20
C ASN A 258 -12.31 13.82 6.78
N HIS A 259 -12.06 14.22 5.53
CA HIS A 259 -10.69 14.12 4.99
C HIS A 259 -9.76 15.11 5.70
N GLU A 260 -10.29 16.24 6.16
CA GLU A 260 -9.47 17.18 6.93
C GLU A 260 -8.97 16.52 8.21
N LYS A 261 -9.86 15.87 8.96
CA LYS A 261 -9.45 15.17 10.18
C LYS A 261 -8.45 14.07 9.90
N VAL A 262 -8.64 13.31 8.82
CA VAL A 262 -7.71 12.27 8.45
C VAL A 262 -6.31 12.85 8.25
N LEU A 263 -6.21 13.93 7.46
CA LEU A 263 -4.91 14.50 7.16
C LEU A 263 -4.24 15.06 8.41
N ALA A 264 -5.01 15.57 9.38
CA ALA A 264 -4.38 16.04 10.62
C ALA A 264 -3.75 14.90 11.41
N VAL A 265 -4.39 13.72 11.42
CA VAL A 265 -3.78 12.57 12.08
C VAL A 265 -2.50 12.16 11.37
N ALA A 266 -2.52 12.16 10.03
CA ALA A 266 -1.32 11.86 9.25
C ALA A 266 -0.17 12.76 9.67
N GLU A 267 -0.42 14.07 9.76
CA GLU A 267 0.64 15.01 10.13
C GLU A 267 1.20 14.69 11.52
N LYS A 268 0.33 14.25 12.43
CA LYS A 268 0.74 13.98 13.81
C LYS A 268 1.67 12.78 13.91
N ARG A 269 1.53 11.79 13.03
CA ARG A 269 2.34 10.57 13.09
C ARG A 269 3.37 10.46 11.96
N ALA A 270 3.44 11.44 11.05
CA ALA A 270 4.29 11.31 9.86
C ALA A 270 5.75 11.07 10.21
N ASP A 271 6.32 11.86 11.13
CA ASP A 271 7.76 11.78 11.37
C ASP A 271 8.14 10.46 12.04
N LEU A 272 7.30 9.97 12.96
CA LEU A 272 7.55 8.66 13.58
C LEU A 272 7.45 7.52 12.56
N LEU A 273 6.44 7.55 11.69
CA LEU A 273 6.33 6.53 10.66
C LEU A 273 7.54 6.54 9.72
N GLN A 274 8.02 7.73 9.37
CA GLN A 274 9.22 7.85 8.52
C GLN A 274 10.42 7.20 9.18
N MET A 275 10.64 7.49 10.46
CA MET A 275 11.76 6.90 11.18
C MET A 275 11.63 5.37 11.23
N TRP A 276 10.44 4.88 11.58
CA TRP A 276 10.19 3.44 11.66
C TRP A 276 10.50 2.74 10.35
N PHE A 277 9.94 3.24 9.23
CA PHE A 277 10.16 2.59 7.94
C PHE A 277 11.61 2.70 7.48
N LYS A 278 12.30 3.81 7.81
CA LYS A 278 13.73 3.88 7.50
C LYS A 278 14.48 2.72 8.14
N GLU A 279 14.17 2.43 9.41
CA GLU A 279 14.87 1.36 10.14
C GLU A 279 14.46 -0.01 9.61
N ILE A 280 13.17 -0.20 9.28
CA ILE A 280 12.71 -1.47 8.70
C ILE A 280 13.52 -1.77 7.44
N ILE A 281 13.62 -0.79 6.54
CA ILE A 281 14.38 -0.95 5.29
C ILE A 281 15.83 -1.33 5.59
N THR A 282 16.46 -0.62 6.53
CA THR A 282 17.85 -0.91 6.88
C THR A 282 18.02 -2.35 7.38
N ARG A 283 17.05 -2.84 8.14
CA ARG A 283 17.13 -4.13 8.84
C ARG A 283 16.60 -5.32 8.04
N LEU A 284 16.06 -5.12 6.84
CA LEU A 284 15.49 -6.23 6.10
C LEU A 284 16.56 -7.31 5.88
N PRO A 285 16.22 -8.58 6.06
CA PRO A 285 17.24 -9.63 5.92
C PRO A 285 17.90 -9.62 4.56
N LEU A 286 19.15 -10.07 4.53
CA LEU A 286 19.91 -10.23 3.31
C LEU A 286 19.73 -11.67 2.80
S DMS B . -4.66 -8.78 -14.12
O DMS B . -3.75 -9.24 -15.25
C1 DMS B . -4.32 -7.02 -13.86
C2 DMS B . -6.33 -8.62 -14.78
H11 DMS B . -4.99 -6.63 -13.13
H12 DMS B . -4.44 -6.49 -14.76
H13 DMS B . -3.32 -6.90 -13.50
H21 DMS B . -6.97 -8.21 -14.03
H22 DMS B . -6.32 -7.97 -15.62
H23 DMS B . -6.70 -9.56 -15.06
S DMS C . -8.79 9.07 2.94
O DMS C . -9.38 9.86 4.05
C1 DMS C . -7.37 8.05 3.39
C2 DMS C . -9.94 7.82 2.32
H11 DMS C . -6.56 8.67 3.68
H12 DMS C . -7.07 7.47 2.56
H13 DMS C . -7.63 7.42 4.20
H21 DMS C . -10.78 8.29 1.89
H22 DMS C . -10.26 7.21 3.12
H23 DMS C . -9.46 7.22 1.59
S DMS D . 0.38 -17.23 -4.84
O DMS D . -0.57 -18.37 -5.21
C1 DMS D . 1.27 -17.84 -3.39
C2 DMS D . 1.70 -17.12 -6.08
H11 DMS D . 0.60 -17.96 -2.58
H12 DMS D . 2.03 -17.14 -3.12
H13 DMS D . 1.72 -18.77 -3.62
H21 DMS D . 1.29 -16.84 -7.01
H22 DMS D . 2.18 -18.06 -6.16
H23 DMS D . 2.40 -16.38 -5.77
S DMS E . 20.97 -6.62 8.50
O DMS E . 21.96 -7.68 8.13
C1 DMS E . 20.23 -5.95 6.98
C2 DMS E . 19.54 -7.41 9.29
H11 DMS E . 20.98 -5.46 6.42
H12 DMS E . 19.47 -5.26 7.25
H13 DMS E . 19.83 -6.74 6.41
H21 DMS E . 19.84 -7.84 10.22
H22 DMS E . 19.15 -8.16 8.66
H23 DMS E . 18.80 -6.67 9.47
S DMS F . 15.61 -8.78 -0.30
O DMS F . 15.51 -8.76 -1.77
C1 DMS F . 15.22 -7.15 0.41
C2 DMS F . 14.48 -9.88 0.55
H11 DMS F . 15.95 -6.46 0.11
H12 DMS F . 15.22 -7.23 1.47
H13 DMS F . 14.27 -6.84 0.08
H21 DMS F . 14.71 -10.89 0.30
H22 DMS F . 13.49 -9.66 0.25
H23 DMS F . 14.58 -9.74 1.60
S DMS G . -9.84 7.77 -15.50
O DMS G . -9.06 6.94 -14.54
C1 DMS G . -11.55 7.22 -15.46
C2 DMS G . -10.19 9.32 -14.66
H11 DMS G . -11.62 6.22 -15.80
H12 DMS G . -11.91 7.25 -14.46
H13 DMS G . -12.14 7.85 -16.06
H21 DMS G . -9.29 9.83 -14.49
H22 DMS G . -10.68 9.12 -13.75
H23 DMS G . -10.82 9.92 -15.27
S DMS H . -4.95 5.63 1.22
O DMS H . -4.95 4.20 1.63
C1 DMS H . -4.06 6.57 2.43
C2 DMS H . -3.60 5.97 0.07
H11 DMS H . -4.57 6.54 3.35
H12 DMS H . -3.96 7.57 2.11
H13 DMS H . -3.08 6.16 2.56
H21 DMS H . -2.68 5.66 0.49
H22 DMS H . -3.57 7.00 -0.14
H23 DMS H . -3.77 5.42 -0.83
C4 CVG I . -10.60 5.62 5.36
C3 CVG I . -11.29 4.81 4.51
C2 CVG I . -12.54 4.19 4.95
C1 CVG I . -11.13 5.91 6.66
O CVG I . -13.30 3.34 4.12
N1 CVG I . -13.02 4.45 6.23
N CVG I . -12.32 5.33 7.10
C CVG I . -10.35 6.84 7.58
H5 CVG I . -9.81 6.03 5.08
H4 CVG I . -10.96 4.62 3.67
H2 CVG I . -10.87 7.02 8.37
H1 CVG I . -10.17 7.68 7.12
H CVG I . -9.52 6.43 7.83
#